data_2WPM
#
_entry.id   2WPM
#
_cell.length_a   44.200
_cell.length_b   66.820
_cell.length_c   96.770
_cell.angle_alpha   90.00
_cell.angle_beta   90.00
_cell.angle_gamma   90.00
#
_symmetry.space_group_name_H-M   'P 21 21 21'
#
loop_
_entity.id
_entity.type
_entity.pdbx_description
1 polymer 'COAGULATION FACTOR IXA LIGHT CHAIN'
2 polymer 'GLU-GLY-ARG-CHLOROMETHYL KETONE'
3 polymer 'COAGULATION FACTOR IXA HEAVY CHAIN'
4 non-polymer 'CALCIUM ION'
5 water water
#
loop_
_entity_poly.entity_id
_entity_poly.type
_entity_poly.pdbx_seq_one_letter_code
_entity_poly.pdbx_strand_id
1 'polypeptide(L)' TCNIKNGRCEQFCKNSADNKVVCSCTEGYRLAENQKSCEPAVPFPCGRVSVSQTSKLTR E
2 'polypeptide(L)' EGR L
3 'polypeptide(L)'
;VVGGEDAKPGQFPWQVVLNGKVDAFCGGSIVNEKWIVTAAHCVETGVKITVVAGEHNIEETEHTEQKRNVIRIIPHHNFN
AAINTYNHDIALLELDEPLVLNSYVTPICIADKEYTNIFLKFGSGYVSGWGRVFHKGRAALVLQYLRVPLVDRATCLRST
KFTITNNMFCAGFHEGGRDSCQGDSGGPHVTEVEGTSFLTGIISWGEECAMKGKYGIYTKVSRYVNWIKEKTKLT
;
S
#
# COMPACT_ATOMS: atom_id res chain seq x y z
N THR A 1 -14.27 -7.66 -24.80
CA THR A 1 -13.72 -9.00 -24.40
C THR A 1 -12.31 -8.84 -23.81
N CYS A 2 -12.25 -8.17 -22.67
CA CYS A 2 -10.99 -7.85 -21.97
C CYS A 2 -10.37 -6.73 -22.82
N ASN A 3 -10.42 -6.90 -24.15
CA ASN A 3 -9.91 -5.90 -25.09
C ASN A 3 -10.41 -4.52 -24.70
N ILE A 4 -11.73 -4.36 -24.70
CA ILE A 4 -12.38 -3.10 -24.37
C ILE A 4 -13.06 -3.15 -23.01
N LYS A 5 -12.79 -2.14 -22.19
CA LYS A 5 -13.39 -2.05 -20.86
C LYS A 5 -13.22 -3.30 -20.01
N ASN A 6 -12.06 -3.93 -20.06
CA ASN A 6 -11.80 -5.12 -19.26
C ASN A 6 -12.91 -6.17 -19.51
N GLY A 7 -13.53 -6.10 -20.69
CA GLY A 7 -14.59 -7.03 -21.05
C GLY A 7 -15.81 -7.03 -20.14
N ARG A 8 -16.09 -5.88 -19.54
CA ARG A 8 -17.23 -5.75 -18.63
C ARG A 8 -17.02 -6.47 -17.30
N CYS A 9 -15.76 -6.65 -16.91
CA CYS A 9 -15.45 -7.30 -15.65
C CYS A 9 -15.09 -6.23 -14.63
N GLU A 10 -15.73 -6.26 -13.47
CA GLU A 10 -15.45 -5.25 -12.45
C GLU A 10 -14.00 -5.37 -11.97
N GLN A 11 -13.51 -6.60 -11.85
CA GLN A 11 -12.15 -6.81 -11.40
C GLN A 11 -11.25 -7.44 -12.45
N PHE A 12 -11.23 -8.76 -12.56
CA PHE A 12 -10.34 -9.37 -13.56
C PHE A 12 -11.05 -9.96 -14.77
N CYS A 13 -10.34 -10.01 -15.89
CA CYS A 13 -10.88 -10.55 -17.15
C CYS A 13 -9.92 -11.54 -17.79
N LYS A 14 -10.48 -12.60 -18.37
CA LYS A 14 -9.67 -13.61 -19.05
C LYS A 14 -10.41 -14.01 -20.33
N ASN A 15 -9.67 -14.37 -21.38
CA ASN A 15 -10.29 -14.75 -22.65
C ASN A 15 -10.54 -16.23 -22.83
N SER A 16 -11.81 -16.62 -22.86
CA SER A 16 -12.19 -18.01 -23.04
C SER A 16 -12.43 -18.32 -24.53
N ALA A 17 -12.67 -19.59 -24.83
CA ALA A 17 -12.89 -20.02 -26.21
C ALA A 17 -14.00 -19.21 -26.87
N ASP A 18 -13.99 -19.17 -28.20
CA ASP A 18 -15.00 -18.44 -28.96
C ASP A 18 -15.12 -16.99 -28.48
N ASN A 19 -13.99 -16.30 -28.37
CA ASN A 19 -13.96 -14.91 -27.95
C ASN A 19 -14.92 -14.62 -26.78
N LYS A 20 -15.06 -15.59 -25.87
CA LYS A 20 -15.94 -15.43 -24.73
C LYS A 20 -15.16 -14.85 -23.54
N VAL A 21 -15.84 -14.02 -22.75
CA VAL A 21 -15.21 -13.39 -21.59
C VAL A 21 -15.55 -14.12 -20.30
N VAL A 22 -14.54 -14.37 -19.48
CA VAL A 22 -14.72 -15.04 -18.20
C VAL A 22 -14.18 -14.16 -17.07
N CYS A 23 -15.08 -13.47 -16.35
CA CYS A 23 -14.70 -12.58 -15.26
C CYS A 23 -14.32 -13.31 -13.96
N SER A 24 -13.55 -12.64 -13.11
CA SER A 24 -13.14 -13.22 -11.83
C SER A 24 -12.89 -12.11 -10.81
N CYS A 25 -12.93 -12.47 -9.52
CA CYS A 25 -12.74 -11.49 -8.45
C CYS A 25 -11.65 -11.93 -7.49
N THR A 26 -11.19 -11.00 -6.64
CA THR A 26 -10.14 -11.29 -5.67
C THR A 26 -10.74 -11.86 -4.38
N GLU A 27 -9.88 -12.47 -3.56
CA GLU A 27 -10.27 -13.07 -2.28
C GLU A 27 -11.29 -12.23 -1.50
N GLY A 28 -12.27 -12.89 -0.89
CA GLY A 28 -13.29 -12.18 -0.13
C GLY A 28 -14.39 -11.64 -1.03
N TYR A 29 -14.39 -12.07 -2.29
CA TYR A 29 -15.40 -11.62 -3.24
C TYR A 29 -15.97 -12.76 -4.05
N ARG A 30 -17.11 -12.50 -4.69
CA ARG A 30 -17.76 -13.50 -5.53
C ARG A 30 -18.42 -12.84 -6.73
N LEU A 31 -18.44 -13.56 -7.85
CA LEU A 31 -19.04 -13.06 -9.08
C LEU A 31 -20.50 -12.72 -8.91
N ALA A 32 -20.82 -11.43 -8.91
CA ALA A 32 -22.20 -10.99 -8.76
C ALA A 32 -23.07 -11.65 -9.82
N GLU A 33 -24.37 -11.69 -9.57
CA GLU A 33 -25.34 -12.31 -10.47
C GLU A 33 -25.02 -12.20 -11.97
N ASN A 34 -24.89 -10.97 -12.46
CA ASN A 34 -24.63 -10.73 -13.88
C ASN A 34 -23.38 -11.39 -14.46
N GLN A 35 -22.57 -12.02 -13.63
CA GLN A 35 -21.35 -12.69 -14.09
C GLN A 35 -20.24 -11.68 -14.44
N LYS A 36 -20.44 -10.44 -14.03
CA LYS A 36 -19.46 -9.38 -14.27
C LYS A 36 -19.02 -8.73 -12.95
N SER A 37 -19.97 -8.08 -12.26
CA SER A 37 -19.69 -7.41 -11.00
C SER A 37 -19.19 -8.34 -9.90
N CYS A 38 -18.52 -7.77 -8.90
CA CYS A 38 -17.98 -8.53 -7.78
C CYS A 38 -18.68 -8.10 -6.47
N GLU A 39 -19.14 -9.06 -5.69
CA GLU A 39 -19.82 -8.72 -4.45
C GLU A 39 -19.15 -9.34 -3.22
N PRO A 40 -19.21 -8.63 -2.09
CA PRO A 40 -18.62 -9.09 -0.84
C PRO A 40 -19.16 -10.47 -0.45
N ALA A 41 -18.24 -11.36 -0.08
CA ALA A 41 -18.61 -12.70 0.33
C ALA A 41 -18.18 -12.89 1.78
N VAL A 42 -17.72 -11.80 2.38
CA VAL A 42 -17.29 -11.79 3.78
C VAL A 42 -17.65 -10.44 4.40
N PRO A 43 -17.76 -10.39 5.73
CA PRO A 43 -18.10 -9.15 6.45
C PRO A 43 -17.17 -7.97 6.15
N PHE A 44 -15.86 -8.24 6.05
CA PHE A 44 -14.91 -7.17 5.77
C PHE A 44 -13.92 -7.53 4.68
N PRO A 45 -14.36 -7.41 3.41
CA PRO A 45 -13.56 -7.71 2.22
C PRO A 45 -12.45 -6.67 1.99
N CYS A 46 -11.29 -7.16 1.56
CA CYS A 46 -10.13 -6.32 1.29
C CYS A 46 -10.46 -5.12 0.40
N GLY A 47 -9.66 -4.07 0.55
CA GLY A 47 -9.78 -2.87 -0.26
C GLY A 47 -10.97 -1.95 -0.18
N ARG A 48 -11.87 -2.15 0.78
CA ARG A 48 -13.01 -1.28 0.86
C ARG A 48 -13.21 -0.53 2.16
N VAL A 49 -13.70 0.70 2.04
CA VAL A 49 -13.98 1.58 3.18
C VAL A 49 -15.41 1.32 3.61
N SER A 50 -15.59 0.81 4.82
CA SER A 50 -16.94 0.53 5.30
C SER A 50 -17.35 1.44 6.45
N VAL A 51 -16.37 2.15 7.01
CA VAL A 51 -16.65 3.07 8.12
C VAL A 51 -17.64 4.13 7.68
N SER A 52 -17.27 4.90 6.68
CA SER A 52 -18.13 5.95 6.16
C SER A 52 -18.51 6.90 7.30
N GLN A 53 -17.52 7.34 8.06
CA GLN A 53 -17.72 8.25 9.18
C GLN A 53 -19.09 8.03 9.82
N THR A 54 -19.24 6.93 10.54
CA THR A 54 -20.51 6.60 11.20
C THR A 54 -21.69 6.77 10.25
N SER A 55 -22.38 7.90 10.37
CA SER A 55 -23.54 8.18 9.52
C SER A 55 -23.78 9.69 9.45
N LYS A 56 -23.36 10.30 8.34
CA LYS A 56 -23.53 11.73 8.13
C LYS A 56 -23.98 11.98 6.70
N LEU A 57 -24.95 11.19 6.24
CA LEU A 57 -25.48 11.32 4.90
C LEU A 57 -26.80 10.55 4.73
N THR A 58 -27.28 10.47 3.49
CA THR A 58 -28.53 9.78 3.20
C THR A 58 -28.49 8.32 3.66
N ARG A 59 -27.43 7.62 3.32
CA ARG A 59 -27.28 6.22 3.70
C ARG A 59 -28.46 5.40 3.17
N GLU B 1 18.42 8.71 0.46
CA GLU B 1 17.48 8.99 1.60
C GLU B 1 16.36 7.95 1.56
N GLY B 2 16.58 6.81 2.20
CA GLY B 2 15.55 5.79 2.22
C GLY B 2 14.46 6.33 3.12
N ARG B 3 13.21 6.00 2.85
CA ARG B 3 12.16 6.50 3.69
C ARG B 3 11.57 5.35 4.53
N VAL C 1 4.06 12.54 5.00
CA VAL C 1 3.55 13.00 3.68
C VAL C 1 3.59 14.52 3.62
N VAL C 2 4.11 15.06 2.53
CA VAL C 2 4.20 16.50 2.36
C VAL C 2 3.18 16.98 1.35
N GLY C 3 2.40 17.99 1.72
CA GLY C 3 1.41 18.54 0.81
C GLY C 3 0.13 17.73 0.70
N GLY C 4 -0.08 16.80 1.62
CA GLY C 4 -1.29 15.99 1.59
C GLY C 4 -2.37 16.53 2.51
N GLU C 5 -3.30 15.67 2.92
CA GLU C 5 -4.39 16.08 3.79
C GLU C 5 -4.70 15.05 4.88
N ASP C 6 -5.44 15.48 5.89
CA ASP C 6 -5.79 14.56 6.97
C ASP C 6 -6.74 13.51 6.43
N ALA C 7 -6.48 12.26 6.76
CA ALA C 7 -7.37 11.18 6.35
C ALA C 7 -8.50 11.22 7.39
N LYS C 8 -9.62 10.60 7.07
CA LYS C 8 -10.72 10.56 8.01
C LYS C 8 -10.64 9.21 8.70
N PRO C 9 -11.07 9.13 9.96
CA PRO C 9 -11.00 7.82 10.62
C PRO C 9 -11.57 6.73 9.71
N GLY C 10 -10.86 5.61 9.58
CA GLY C 10 -11.33 4.52 8.75
C GLY C 10 -11.22 4.67 7.23
N GLN C 11 -10.59 5.74 6.75
CA GLN C 11 -10.46 5.94 5.32
C GLN C 11 -9.47 4.96 4.67
N PHE C 12 -8.41 4.62 5.38
CA PHE C 12 -7.43 3.67 4.87
C PHE C 12 -7.26 2.62 5.98
N PRO C 13 -8.29 1.76 6.14
CA PRO C 13 -8.33 0.69 7.15
C PRO C 13 -7.24 -0.33 7.09
N TRP C 14 -6.50 -0.37 5.99
CA TRP C 14 -5.40 -1.31 5.82
C TRP C 14 -4.07 -0.71 6.28
N GLN C 15 -4.06 0.57 6.59
CA GLN C 15 -2.83 1.23 7.03
C GLN C 15 -2.46 0.97 8.49
N VAL C 16 -1.19 0.65 8.73
CA VAL C 16 -0.72 0.43 10.09
C VAL C 16 0.55 1.23 10.31
N VAL C 17 0.87 1.48 11.57
CA VAL C 17 2.06 2.21 11.92
C VAL C 17 2.98 1.24 12.67
N LEU C 18 4.29 1.45 12.58
CA LEU C 18 5.24 0.58 13.27
C LEU C 18 5.97 1.34 14.37
N ASN C 19 5.98 0.78 15.58
CA ASN C 19 6.66 1.43 16.70
C ASN C 19 7.77 0.51 17.21
N GLY C 20 8.87 1.11 17.63
CA GLY C 20 9.95 0.30 18.15
C GLY C 20 10.93 1.18 18.87
N LYS C 21 12.20 1.04 18.53
CA LYS C 21 13.26 1.84 19.12
C LYS C 21 12.90 3.31 18.89
N VAL C 22 12.20 3.57 17.79
CA VAL C 22 11.76 4.91 17.45
C VAL C 22 10.26 4.73 17.24
N ASP C 23 9.44 5.67 17.73
CA ASP C 23 8.00 5.55 17.53
C ASP C 23 7.60 6.09 16.15
N ALA C 24 6.60 5.43 15.56
CA ALA C 24 6.07 5.79 14.24
C ALA C 24 7.19 5.89 13.21
N PHE C 25 8.12 4.94 13.23
CA PHE C 25 9.24 5.00 12.30
C PHE C 25 8.98 4.58 10.86
N CYS C 26 7.86 3.88 10.63
CA CYS C 26 7.47 3.43 9.30
C CYS C 26 6.00 3.03 9.28
N GLY C 27 5.49 2.77 8.09
CA GLY C 27 4.10 2.35 7.94
C GLY C 27 4.03 0.93 7.38
N GLY C 28 2.83 0.45 7.11
CA GLY C 28 2.67 -0.90 6.59
C GLY C 28 1.25 -1.11 6.09
N SER C 29 0.97 -2.27 5.54
CA SER C 29 -0.37 -2.57 5.06
C SER C 29 -0.74 -3.97 5.47
N ILE C 30 -2.02 -4.17 5.78
CA ILE C 30 -2.50 -5.48 6.20
C ILE C 30 -2.73 -6.37 4.99
N VAL C 31 -2.03 -7.50 4.97
CA VAL C 31 -2.18 -8.48 3.90
C VAL C 31 -3.41 -9.28 4.32
N ASN C 32 -3.35 -9.75 5.56
CA ASN C 32 -4.44 -10.49 6.18
C ASN C 32 -4.30 -10.41 7.70
N GLU C 33 -5.13 -11.16 8.41
CA GLU C 33 -5.13 -11.15 9.86
C GLU C 33 -3.78 -11.37 10.53
N LYS C 34 -2.93 -12.17 9.93
CA LYS C 34 -1.65 -12.45 10.55
C LYS C 34 -0.45 -11.80 9.88
N TRP C 35 -0.66 -11.08 8.79
CA TRP C 35 0.48 -10.52 8.08
C TRP C 35 0.45 -9.05 7.65
N ILE C 36 1.61 -8.42 7.72
CA ILE C 36 1.78 -7.03 7.34
C ILE C 36 2.88 -6.92 6.29
N VAL C 37 2.65 -6.13 5.24
CA VAL C 37 3.69 -5.96 4.25
C VAL C 37 4.27 -4.54 4.43
N THR C 38 5.59 -4.43 4.44
CA THR C 38 6.25 -3.14 4.64
C THR C 38 7.54 -3.04 3.82
N ALA C 39 8.37 -2.05 4.14
CA ALA C 39 9.64 -1.90 3.42
C ALA C 39 10.78 -2.51 4.22
N ALA C 40 11.59 -3.32 3.55
CA ALA C 40 12.73 -3.96 4.19
C ALA C 40 13.72 -3.02 4.89
N HIS C 41 13.98 -1.82 4.34
CA HIS C 41 14.94 -0.94 5.02
C HIS C 41 14.44 -0.44 6.38
N CYS C 42 13.17 -0.71 6.67
CA CYS C 42 12.60 -0.28 7.94
C CYS C 42 12.86 -1.31 9.04
N VAL C 43 13.10 -2.55 8.63
CA VAL C 43 13.28 -3.62 9.60
C VAL C 43 14.49 -4.52 9.40
N GLU C 44 15.65 -3.91 9.14
CA GLU C 44 16.88 -4.65 8.92
C GLU C 44 17.42 -5.24 10.21
N THR C 45 17.41 -4.45 11.28
CA THR C 45 17.96 -4.87 12.56
C THR C 45 17.17 -5.95 13.29
N GLY C 46 16.04 -6.35 12.71
CA GLY C 46 15.23 -7.38 13.33
C GLY C 46 14.90 -7.14 14.81
N VAL C 47 15.20 -5.93 15.30
CA VAL C 47 14.93 -5.60 16.69
C VAL C 47 13.43 -5.71 16.98
N LYS C 48 13.06 -5.63 18.25
CA LYS C 48 11.66 -5.72 18.65
C LYS C 48 10.86 -4.58 18.03
N ILE C 49 9.71 -4.92 17.45
CA ILE C 49 8.83 -3.97 16.78
C ILE C 49 7.36 -4.24 17.11
N THR C 50 6.57 -3.17 17.12
CA THR C 50 5.15 -3.28 17.40
C THR C 50 4.36 -2.74 16.23
N VAL C 51 3.15 -3.27 16.05
CA VAL C 51 2.27 -2.88 14.98
C VAL C 51 0.92 -2.40 15.49
N VAL C 52 0.54 -1.21 15.04
CA VAL C 52 -0.74 -0.67 15.45
C VAL C 52 -1.66 -0.47 14.25
N ALA C 53 -2.72 -1.27 14.20
CA ALA C 53 -3.72 -1.15 13.15
C ALA C 53 -4.85 -0.34 13.73
N GLY C 54 -5.71 0.19 12.87
CA GLY C 54 -6.84 0.98 13.34
C GLY C 54 -6.39 2.24 14.04
N GLU C 55 -5.21 2.72 13.64
CA GLU C 55 -4.58 3.93 14.16
C GLU C 55 -4.98 5.10 13.28
N HIS C 56 -5.12 6.28 13.89
CA HIS C 56 -5.52 7.48 13.16
C HIS C 56 -4.70 8.66 13.68
N ASN C 57 -4.85 8.92 14.97
CA ASN C 57 -4.12 10.00 15.62
C ASN C 57 -3.11 9.39 16.59
N ILE C 58 -1.84 9.37 16.24
CA ILE C 58 -0.88 8.74 17.14
C ILE C 58 -0.68 9.29 18.56
N GLU C 59 -1.29 10.42 18.92
CA GLU C 59 -1.12 10.87 20.29
C GLU C 59 -2.47 10.84 21.05
N GLU C 60 -3.49 10.27 20.43
CA GLU C 60 -4.81 10.17 21.08
C GLU C 60 -5.27 8.72 21.12
N THR C 61 -6.44 8.49 21.71
CA THR C 61 -7.01 7.16 21.78
C THR C 61 -8.38 7.14 21.10
N GLU C 62 -8.50 6.35 20.03
CA GLU C 62 -9.76 6.26 19.30
C GLU C 62 -10.57 5.02 19.71
N HIS C 63 -9.92 4.12 20.44
CA HIS C 63 -10.51 2.87 20.88
C HIS C 63 -10.70 1.94 19.69
N THR C 64 -10.02 2.26 18.58
CA THR C 64 -10.08 1.43 17.39
C THR C 64 -8.72 0.80 17.17
N GLU C 65 -7.73 1.20 17.98
CA GLU C 65 -6.38 0.68 17.83
C GLU C 65 -6.19 -0.77 18.24
N GLN C 66 -5.42 -1.50 17.42
CA GLN C 66 -5.12 -2.89 17.72
C GLN C 66 -3.62 -3.05 17.64
N LYS C 67 -3.00 -3.31 18.78
CA LYS C 67 -1.57 -3.49 18.84
C LYS C 67 -1.18 -4.95 18.84
N ARG C 68 -0.11 -5.26 18.13
CA ARG C 68 0.37 -6.62 18.05
C ARG C 68 1.87 -6.62 18.01
N ASN C 69 2.46 -7.73 18.46
CA ASN C 69 3.90 -7.89 18.44
C ASN C 69 4.31 -8.64 17.17
N VAL C 70 5.49 -8.32 16.66
CA VAL C 70 6.04 -8.96 15.46
C VAL C 70 6.90 -10.12 15.91
N ILE C 71 6.56 -11.34 15.49
CA ILE C 71 7.34 -12.49 15.91
C ILE C 71 8.22 -13.06 14.81
N ARG C 72 8.02 -12.57 13.59
CA ARG C 72 8.84 -13.02 12.46
C ARG C 72 8.89 -11.91 11.41
N ILE C 73 10.08 -11.66 10.88
CA ILE C 73 10.27 -10.65 9.87
C ILE C 73 10.93 -11.31 8.68
N ILE C 74 10.29 -11.21 7.53
CA ILE C 74 10.86 -11.79 6.31
C ILE C 74 11.15 -10.74 5.27
N PRO C 75 12.39 -10.23 5.25
CA PRO C 75 12.67 -9.23 4.21
C PRO C 75 12.84 -9.98 2.90
N HIS C 76 12.72 -9.29 1.77
CA HIS C 76 12.88 -9.98 0.48
C HIS C 76 14.28 -10.60 0.40
N HIS C 77 14.36 -11.85 -0.05
CA HIS C 77 15.65 -12.53 -0.13
C HIS C 77 16.77 -11.79 -0.87
N ASN C 78 16.41 -10.89 -1.81
CA ASN C 78 17.44 -10.13 -2.53
C ASN C 78 17.63 -8.68 -2.05
N PHE C 79 16.91 -8.27 -1.01
CA PHE C 79 17.11 -6.92 -0.51
C PHE C 79 18.55 -6.83 0.02
N ASN C 80 19.26 -5.79 -0.43
CA ASN C 80 20.64 -5.57 -0.04
C ASN C 80 21.63 -6.59 -0.58
N ALA C 81 21.29 -7.24 -1.70
CA ALA C 81 22.22 -8.18 -2.31
C ALA C 81 23.34 -7.31 -2.88
N ALA C 82 22.97 -6.08 -3.20
CA ALA C 82 23.86 -5.04 -3.70
C ALA C 82 23.65 -3.93 -2.66
N ILE C 83 24.63 -3.73 -1.80
CA ILE C 83 24.55 -2.74 -0.72
C ILE C 83 24.06 -1.33 -1.11
N ASN C 84 23.20 -0.77 -0.25
CA ASN C 84 22.63 0.57 -0.39
C ASN C 84 21.90 0.96 -1.68
N THR C 85 21.26 0.00 -2.35
CA THR C 85 20.55 0.31 -3.58
C THR C 85 19.03 0.41 -3.46
N TYR C 86 18.48 -0.06 -2.34
CA TYR C 86 17.02 -0.04 -2.11
C TYR C 86 16.20 -0.93 -3.04
N ASN C 87 16.88 -1.70 -3.89
CA ASN C 87 16.22 -2.62 -4.82
C ASN C 87 15.64 -3.76 -3.95
N HIS C 88 14.43 -4.22 -4.28
CA HIS C 88 13.80 -5.28 -3.50
C HIS C 88 13.47 -4.78 -2.08
N ASP C 89 13.06 -3.51 -1.98
CA ASP C 89 12.74 -2.92 -0.68
C ASP C 89 11.33 -3.28 -0.28
N ILE C 90 11.18 -4.48 0.23
CA ILE C 90 9.86 -4.94 0.63
C ILE C 90 10.11 -5.96 1.73
N ALA C 91 9.20 -6.06 2.69
CA ALA C 91 9.36 -7.02 3.76
C ALA C 91 8.00 -7.44 4.30
N LEU C 92 7.95 -8.59 4.96
CA LEU C 92 6.71 -9.11 5.53
C LEU C 92 6.85 -9.29 7.02
N LEU C 93 5.78 -9.00 7.74
CA LEU C 93 5.79 -9.11 9.19
C LEU C 93 4.67 -10.02 9.68
N GLU C 94 5.01 -11.02 10.49
CA GLU C 94 3.99 -11.91 11.04
C GLU C 94 3.64 -11.46 12.47
N LEU C 95 2.34 -11.46 12.78
CA LEU C 95 1.88 -11.02 14.09
C LEU C 95 1.78 -12.14 15.14
N ASP C 96 1.98 -11.79 16.40
CA ASP C 96 1.91 -12.76 17.49
C ASP C 96 0.48 -13.30 17.58
N GLU C 97 -0.49 -12.39 17.58
CA GLU C 97 -1.91 -12.73 17.64
C GLU C 97 -2.63 -12.09 16.47
N PRO C 98 -3.55 -12.81 15.83
CA PRO C 98 -4.30 -12.29 14.69
C PRO C 98 -5.11 -11.03 14.98
N LEU C 99 -5.20 -10.17 13.99
CA LEU C 99 -5.97 -8.94 14.12
C LEU C 99 -7.43 -9.32 13.94
N VAL C 100 -8.34 -8.57 14.56
CA VAL C 100 -9.76 -8.85 14.39
C VAL C 100 -10.23 -7.83 13.36
N LEU C 101 -10.57 -8.30 12.16
CA LEU C 101 -11.01 -7.41 11.09
C LEU C 101 -12.36 -6.77 11.41
N ASN C 102 -12.46 -5.46 11.15
CA ASN C 102 -13.67 -4.66 11.34
C ASN C 102 -13.54 -3.43 10.44
N SER C 103 -14.37 -2.41 10.65
CA SER C 103 -14.34 -1.22 9.81
C SER C 103 -13.05 -0.38 9.78
N TYR C 104 -12.21 -0.54 10.80
CA TYR C 104 -10.97 0.23 10.88
C TYR C 104 -9.75 -0.66 10.67
N VAL C 105 -10.00 -1.96 10.55
CA VAL C 105 -8.93 -2.93 10.36
C VAL C 105 -9.33 -3.87 9.23
N THR C 106 -8.99 -3.48 8.00
CA THR C 106 -9.34 -4.22 6.80
C THR C 106 -8.11 -4.45 5.91
N PRO C 107 -7.95 -5.66 5.35
CA PRO C 107 -6.77 -5.87 4.50
C PRO C 107 -6.84 -5.03 3.23
N ILE C 108 -5.74 -4.98 2.51
CA ILE C 108 -5.70 -4.29 1.22
C ILE C 108 -5.73 -5.43 0.20
N CYS C 109 -6.35 -5.22 -0.94
CA CYS C 109 -6.41 -6.28 -1.95
C CYS C 109 -5.09 -6.36 -2.73
N ILE C 110 -4.74 -7.58 -3.11
CA ILE C 110 -3.53 -7.81 -3.89
C ILE C 110 -3.84 -8.71 -5.07
N ALA C 111 -3.79 -8.11 -6.26
CA ALA C 111 -4.05 -8.79 -7.51
C ALA C 111 -2.83 -9.53 -7.99
N ASP C 112 -2.99 -10.26 -9.09
CA ASP C 112 -1.88 -11.00 -9.66
C ASP C 112 -0.90 -10.03 -10.31
N LYS C 113 0.21 -10.58 -10.79
CA LYS C 113 1.26 -9.80 -11.43
C LYS C 113 0.73 -8.91 -12.54
N GLU C 114 0.01 -9.52 -13.49
CA GLU C 114 -0.54 -8.80 -14.63
C GLU C 114 -1.48 -7.66 -14.25
N TYR C 115 -2.43 -7.93 -13.36
CA TYR C 115 -3.37 -6.90 -12.98
C TYR C 115 -2.82 -5.85 -12.03
N THR C 116 -1.89 -6.24 -11.17
CA THR C 116 -1.33 -5.25 -10.27
C THR C 116 -0.64 -4.22 -11.14
N ASN C 117 0.06 -4.69 -12.17
CA ASN C 117 0.77 -3.80 -13.09
C ASN C 117 -0.21 -3.01 -13.95
N ILE C 118 -1.39 -3.57 -14.20
CA ILE C 118 -2.40 -2.86 -14.98
C ILE C 118 -2.97 -1.74 -14.12
N PHE C 119 -3.22 -2.02 -12.84
CA PHE C 119 -3.75 -0.98 -11.98
C PHE C 119 -2.73 0.15 -11.79
N LEU C 120 -1.45 -0.20 -11.69
CA LEU C 120 -0.39 0.81 -11.52
C LEU C 120 -0.40 1.74 -12.73
N LYS C 121 -0.53 1.16 -13.91
CA LYS C 121 -0.54 1.95 -15.14
C LYS C 121 -1.75 2.85 -15.31
N PHE C 122 -2.72 2.75 -14.40
CA PHE C 122 -3.89 3.60 -14.45
C PHE C 122 -3.31 5.00 -14.24
N GLY C 123 -2.14 5.05 -13.62
CA GLY C 123 -1.43 6.30 -13.39
C GLY C 123 -1.78 7.16 -12.21
N SER C 124 -2.69 6.73 -11.35
CA SER C 124 -3.06 7.53 -10.18
C SER C 124 -3.29 6.67 -8.94
N GLY C 125 -2.55 6.97 -7.88
CA GLY C 125 -2.68 6.22 -6.65
C GLY C 125 -2.54 7.11 -5.43
N TYR C 126 -2.83 6.55 -4.25
CA TYR C 126 -2.73 7.31 -3.03
C TYR C 126 -1.66 6.73 -2.13
N VAL C 127 -0.94 7.61 -1.45
CA VAL C 127 0.08 7.20 -0.51
C VAL C 127 -0.37 7.77 0.81
N SER C 128 -0.05 7.09 1.91
CA SER C 128 -0.45 7.56 3.22
C SER C 128 0.57 7.23 4.29
N GLY C 129 0.52 7.93 5.41
CA GLY C 129 1.47 7.67 6.47
C GLY C 129 1.57 8.80 7.49
N TRP C 130 2.29 8.52 8.56
CA TRP C 130 2.50 9.48 9.65
C TRP C 130 3.91 10.02 9.58
N GLY C 131 4.48 10.01 8.37
CA GLY C 131 5.83 10.52 8.16
C GLY C 131 5.84 12.04 8.24
N ARG C 132 6.96 12.66 7.86
CA ARG C 132 7.09 14.11 7.91
C ARG C 132 6.19 14.87 6.94
N VAL C 133 5.62 15.98 7.42
CA VAL C 133 4.77 16.81 6.58
C VAL C 133 5.54 18.10 6.23
N PHE C 134 6.61 18.38 6.97
CA PHE C 134 7.42 19.57 6.76
C PHE C 134 8.93 19.31 6.82
N HIS C 135 9.72 20.25 6.30
CA HIS C 135 11.18 20.15 6.29
C HIS C 135 11.74 19.96 7.71
N LYS C 136 12.40 18.84 7.94
CA LYS C 136 12.99 18.51 9.23
C LYS C 136 11.93 18.44 10.32
N GLY C 137 10.70 18.08 9.94
CA GLY C 137 9.62 17.98 10.90
C GLY C 137 9.49 16.60 11.50
N ARG C 138 8.76 16.49 12.60
CA ARG C 138 8.54 15.19 13.24
C ARG C 138 7.30 14.50 12.68
N ALA C 139 6.93 13.37 13.27
CA ALA C 139 5.77 12.61 12.81
C ALA C 139 4.51 13.45 12.77
N ALA C 140 3.61 13.08 11.88
CA ALA C 140 2.34 13.77 11.79
C ALA C 140 1.49 13.03 12.84
N LEU C 141 0.72 13.76 13.63
CA LEU C 141 -0.12 13.12 14.64
C LEU C 141 -1.30 12.44 13.95
N VAL C 142 -1.81 13.08 12.92
CA VAL C 142 -2.96 12.55 12.19
C VAL C 142 -2.53 11.97 10.85
N LEU C 143 -3.00 10.76 10.55
CA LEU C 143 -2.67 10.11 9.28
C LEU C 143 -2.90 11.08 8.12
N GLN C 144 -1.95 11.10 7.19
CA GLN C 144 -2.00 11.96 6.01
C GLN C 144 -2.12 11.08 4.78
N TYR C 145 -2.67 11.65 3.71
CA TYR C 145 -2.81 10.92 2.47
C TYR C 145 -2.66 11.91 1.31
N LEU C 146 -2.18 11.39 0.19
CA LEU C 146 -1.97 12.24 -0.96
C LEU C 146 -2.12 11.43 -2.23
N ARG C 147 -2.65 12.06 -3.27
CA ARG C 147 -2.82 11.40 -4.55
C ARG C 147 -1.64 11.82 -5.40
N VAL C 148 -0.92 10.83 -5.93
CA VAL C 148 0.25 11.12 -6.76
C VAL C 148 0.18 10.43 -8.11
N PRO C 149 0.41 11.20 -9.19
CA PRO C 149 0.40 10.67 -10.55
C PRO C 149 1.66 9.87 -10.86
N LEU C 150 1.53 8.84 -11.69
CA LEU C 150 2.63 7.98 -12.10
C LEU C 150 3.56 8.77 -13.03
N VAL C 151 4.86 8.45 -13.01
CA VAL C 151 5.82 9.17 -13.85
C VAL C 151 6.45 8.26 -14.90
N ASP C 152 6.49 8.73 -16.14
CA ASP C 152 7.08 7.95 -17.23
C ASP C 152 8.49 7.56 -16.80
N ARG C 153 8.92 6.37 -17.23
CA ARG C 153 10.24 5.89 -16.86
C ARG C 153 11.42 6.79 -17.27
N ALA C 154 11.41 7.31 -18.49
CA ALA C 154 12.51 8.16 -18.93
C ALA C 154 12.69 9.41 -18.07
N THR C 155 11.58 10.02 -17.66
CA THR C 155 11.64 11.22 -16.81
C THR C 155 12.24 10.84 -15.45
N CYS C 156 11.88 9.63 -15.01
CA CYS C 156 12.35 9.08 -13.74
C CYS C 156 13.86 8.97 -13.77
N LEU C 157 14.40 8.32 -14.80
CA LEU C 157 15.85 8.17 -14.92
C LEU C 157 16.59 9.50 -14.89
N ARG C 158 16.08 10.48 -15.63
CA ARG C 158 16.70 11.80 -15.74
C ARG C 158 16.57 12.68 -14.51
N SER C 159 15.81 12.24 -13.52
CA SER C 159 15.61 13.03 -12.31
C SER C 159 16.60 12.72 -11.19
N THR C 160 17.34 11.62 -11.30
CA THR C 160 18.26 11.23 -10.24
C THR C 160 19.54 10.56 -10.69
N LYS C 161 20.60 10.75 -9.91
CA LYS C 161 21.88 10.14 -10.22
C LYS C 161 21.79 8.65 -9.89
N PHE C 162 20.99 8.31 -8.86
CA PHE C 162 20.81 6.93 -8.42
C PHE C 162 20.05 6.10 -9.43
N THR C 163 20.37 4.82 -9.45
CA THR C 163 19.75 3.87 -10.38
C THR C 163 18.33 3.48 -10.01
N ILE C 164 17.40 3.63 -10.95
CA ILE C 164 16.01 3.26 -10.78
C ILE C 164 15.85 1.93 -11.52
N THR C 165 15.68 0.83 -10.78
CA THR C 165 15.53 -0.50 -11.37
C THR C 165 14.09 -0.80 -11.79
N ASN C 166 13.92 -1.88 -12.55
CA ASN C 166 12.61 -2.31 -13.00
C ASN C 166 11.76 -2.82 -11.82
N ASN C 167 12.35 -2.81 -10.62
CA ASN C 167 11.62 -3.23 -9.43
C ASN C 167 11.17 -1.99 -8.67
N MET C 168 11.12 -0.88 -9.38
CA MET C 168 10.75 0.39 -8.78
C MET C 168 9.98 1.24 -9.77
N PHE C 169 9.27 2.25 -9.27
CA PHE C 169 8.57 3.18 -10.16
C PHE C 169 8.55 4.56 -9.51
N CYS C 170 8.47 5.59 -10.34
CA CYS C 170 8.44 6.98 -9.87
C CYS C 170 7.00 7.47 -9.81
N ALA C 171 6.73 8.38 -8.88
CA ALA C 171 5.42 9.02 -8.73
C ALA C 171 5.67 10.38 -8.05
N GLY C 172 4.94 11.40 -8.49
CA GLY C 172 5.08 12.74 -7.94
C GLY C 172 4.64 13.72 -9.00
N PHE C 173 4.58 15.01 -8.66
CA PHE C 173 4.18 16.02 -9.63
C PHE C 173 5.43 16.73 -10.16
N HIS C 174 5.34 17.23 -11.38
CA HIS C 174 6.43 17.95 -12.04
C HIS C 174 6.94 19.10 -11.17
N GLU C 175 6.01 19.85 -10.60
CA GLU C 175 6.32 21.00 -9.76
C GLU C 175 6.85 20.65 -8.38
N GLY C 176 6.52 19.45 -7.88
CA GLY C 176 6.96 19.05 -6.56
C GLY C 176 5.96 19.58 -5.54
N GLY C 177 6.35 19.63 -4.27
CA GLY C 177 5.45 20.13 -3.26
C GLY C 177 4.57 19.08 -2.61
N ARG C 178 4.42 17.94 -3.28
CA ARG C 178 3.59 16.86 -2.77
C ARG C 178 4.33 15.53 -2.89
N ASP C 179 4.66 14.90 -1.76
CA ASP C 179 5.43 13.66 -1.82
C ASP C 179 5.30 12.88 -0.53
N SER C 180 5.65 11.60 -0.58
CA SER C 180 5.65 10.78 0.63
C SER C 180 7.00 11.18 1.20
N CYS C 181 7.29 10.85 2.45
CA CYS C 181 8.55 11.29 3.04
C CYS C 181 9.07 10.41 4.17
N GLN C 182 10.15 10.85 4.81
CA GLN C 182 10.77 10.13 5.92
C GLN C 182 9.70 9.73 6.91
N GLY C 183 9.71 8.47 7.33
CA GLY C 183 8.68 8.02 8.26
C GLY C 183 7.55 7.33 7.54
N ASP C 184 7.34 7.65 6.26
CA ASP C 184 6.28 7.00 5.50
C ASP C 184 6.66 5.63 4.90
N SER C 185 7.96 5.29 4.86
CA SER C 185 8.36 4.01 4.28
C SER C 185 7.55 2.83 4.79
N GLY C 186 7.35 1.85 3.91
CA GLY C 186 6.57 0.68 4.30
C GLY C 186 5.11 0.90 3.99
N GLY C 187 4.73 2.18 3.93
CA GLY C 187 3.36 2.54 3.64
C GLY C 187 2.93 2.14 2.24
N PRO C 188 1.63 2.00 2.00
CA PRO C 188 1.14 1.61 0.68
C PRO C 188 0.89 2.71 -0.34
N HIS C 189 1.15 2.35 -1.60
CA HIS C 189 0.83 3.21 -2.72
C HIS C 189 -0.35 2.37 -3.18
N VAL C 190 -1.56 2.91 -3.10
CA VAL C 190 -2.71 2.13 -3.51
C VAL C 190 -3.42 2.71 -4.72
N THR C 191 -4.01 1.82 -5.50
CA THR C 191 -4.76 2.23 -6.68
C THR C 191 -6.20 1.83 -6.44
N GLU C 192 -7.08 2.82 -6.53
CA GLU C 192 -8.51 2.63 -6.30
C GLU C 192 -9.21 2.12 -7.56
N VAL C 193 -9.71 0.88 -7.50
CA VAL C 193 -10.40 0.28 -8.63
C VAL C 193 -11.89 0.16 -8.28
N GLU C 194 -12.69 1.08 -8.80
CA GLU C 194 -14.14 1.11 -8.55
C GLU C 194 -14.52 0.78 -7.11
N GLY C 195 -14.12 1.65 -6.19
CA GLY C 195 -14.43 1.46 -4.79
C GLY C 195 -13.55 0.48 -4.05
N THR C 196 -12.76 -0.32 -4.78
CA THR C 196 -11.86 -1.32 -4.19
C THR C 196 -10.38 -0.98 -4.42
N SER C 197 -9.63 -0.83 -3.34
CA SER C 197 -8.22 -0.48 -3.44
C SER C 197 -7.28 -1.68 -3.51
N PHE C 198 -6.28 -1.58 -4.38
CA PHE C 198 -5.27 -2.63 -4.57
C PHE C 198 -3.88 -2.08 -4.30
N LEU C 199 -3.01 -2.91 -3.75
CA LEU C 199 -1.65 -2.51 -3.44
C LEU C 199 -0.84 -2.49 -4.73
N THR C 200 -0.34 -1.31 -5.10
CA THR C 200 0.47 -1.17 -6.30
C THR C 200 1.91 -0.76 -6.00
N GLY C 201 2.19 -0.38 -4.76
CA GLY C 201 3.53 0.00 -4.38
C GLY C 201 3.84 0.09 -2.90
N ILE C 202 5.13 0.12 -2.58
CA ILE C 202 5.57 0.27 -1.21
C ILE C 202 6.39 1.57 -1.17
N ILE C 203 6.02 2.52 -0.31
CA ILE C 203 6.79 3.76 -0.20
C ILE C 203 8.21 3.30 0.19
N SER C 204 9.21 3.75 -0.57
CA SER C 204 10.59 3.30 -0.37
C SER C 204 11.71 4.32 -0.18
N TRP C 205 11.82 5.29 -1.09
CA TRP C 205 12.87 6.28 -0.97
C TRP C 205 12.75 7.47 -1.92
N GLY C 206 13.72 8.37 -1.79
CA GLY C 206 13.75 9.56 -2.62
C GLY C 206 14.93 10.42 -2.21
N GLU C 207 15.02 11.61 -2.79
CA GLU C 207 16.09 12.55 -2.50
C GLU C 207 15.40 13.75 -1.83
N GLU C 208 15.52 13.81 -0.51
CA GLU C 208 14.88 14.87 0.26
C GLU C 208 13.40 14.59 0.01
N CYS C 209 12.53 15.58 0.18
CA CYS C 209 11.12 15.34 -0.07
C CYS C 209 10.45 16.54 -0.73
N ALA C 210 9.56 16.26 -1.68
CA ALA C 210 8.79 17.27 -2.40
C ALA C 210 9.57 18.23 -3.30
N MET C 211 10.88 18.08 -3.37
CA MET C 211 11.70 18.95 -4.21
C MET C 211 11.25 18.91 -5.67
N LYS C 212 11.22 20.07 -6.31
CA LYS C 212 10.80 20.15 -7.70
C LYS C 212 11.84 19.46 -8.58
N GLY C 213 11.37 18.62 -9.49
CA GLY C 213 12.30 17.91 -10.35
C GLY C 213 12.70 16.57 -9.75
N LYS C 214 12.23 16.28 -8.55
CA LYS C 214 12.52 15.01 -7.90
C LYS C 214 11.21 14.24 -7.74
N TYR C 215 11.29 12.93 -7.54
CA TYR C 215 10.09 12.13 -7.40
C TYR C 215 10.23 11.06 -6.35
N GLY C 216 9.12 10.65 -5.76
CA GLY C 216 9.16 9.60 -4.78
C GLY C 216 9.43 8.31 -5.54
N ILE C 217 10.22 7.43 -4.97
CA ILE C 217 10.49 6.16 -5.63
C ILE C 217 9.75 5.09 -4.82
N TYR C 218 9.06 4.20 -5.51
CA TYR C 218 8.29 3.16 -4.84
C TYR C 218 8.68 1.76 -5.29
N THR C 219 8.52 0.78 -4.39
CA THR C 219 8.81 -0.60 -4.75
C THR C 219 7.64 -1.07 -5.63
N LYS C 220 7.93 -1.65 -6.79
CA LYS C 220 6.88 -2.11 -7.72
C LYS C 220 6.29 -3.44 -7.23
N VAL C 221 5.18 -3.37 -6.50
CA VAL C 221 4.54 -4.54 -5.94
C VAL C 221 4.25 -5.71 -6.90
N SER C 222 3.86 -5.41 -8.14
CA SER C 222 3.57 -6.47 -9.11
C SER C 222 4.67 -7.52 -9.22
N ARG C 223 5.92 -7.09 -9.03
CA ARG C 223 7.06 -7.99 -9.09
C ARG C 223 7.19 -8.89 -7.87
N TYR C 224 6.52 -8.55 -6.78
CA TYR C 224 6.62 -9.34 -5.55
C TYR C 224 5.32 -9.98 -5.13
N VAL C 225 4.32 -9.82 -5.97
CA VAL C 225 3.00 -10.36 -5.71
C VAL C 225 3.01 -11.86 -5.42
N ASN C 226 3.76 -12.64 -6.21
CA ASN C 226 3.83 -14.08 -5.98
C ASN C 226 4.54 -14.40 -4.66
N TRP C 227 5.58 -13.65 -4.35
CA TRP C 227 6.34 -13.85 -3.11
C TRP C 227 5.47 -13.53 -1.88
N ILE C 228 4.65 -12.49 -1.97
CA ILE C 228 3.77 -12.13 -0.87
C ILE C 228 2.75 -13.25 -0.56
N LYS C 229 2.01 -13.65 -1.58
CA LYS C 229 1.00 -14.71 -1.43
C LYS C 229 1.56 -16.04 -0.92
N GLU C 230 2.74 -16.41 -1.39
CA GLU C 230 3.39 -17.65 -0.98
C GLU C 230 3.76 -17.66 0.51
N LYS C 231 4.20 -16.51 1.03
CA LYS C 231 4.63 -16.41 2.42
C LYS C 231 3.56 -16.11 3.45
N THR C 232 2.47 -15.47 3.03
CA THR C 232 1.43 -15.10 3.99
C THR C 232 0.20 -16.02 4.05
N LYS C 233 0.33 -17.23 3.53
CA LYS C 233 -0.80 -18.18 3.54
C LYS C 233 -1.28 -18.51 4.95
N LEU C 234 -2.59 -18.55 5.12
CA LEU C 234 -3.16 -18.91 6.41
C LEU C 234 -3.34 -20.43 6.42
N THR C 235 -2.96 -21.08 7.52
CA THR C 235 -3.06 -22.53 7.64
C THR C 235 -4.05 -22.99 8.72
#